data_3D4S
#
_entry.id   3D4S
#
_cell.length_a   40.000
_cell.length_b   75.700
_cell.length_c   172.730
_cell.angle_alpha   90.00
_cell.angle_beta   90.00
_cell.angle_gamma   90.00
#
_symmetry.space_group_name_H-M   'P 21 21 21'
#
loop_
_entity.id
_entity.type
_entity.pdbx_description
1 polymer 'Beta-2 adrenergic receptor/T4-lysozyme chimera'
2 non-polymer (2S)-1-(tert-butylamino)-3-[(4-morpholin-4-yl-1,2,5-thiadiazol-3-yl)oxy]propan-2-ol
3 non-polymer CHOLESTEROL
4 non-polymer '(2R)-2,3-dihydroxypropyl (9Z)-octadec-9-enoate'
5 water water
#
_entity_poly.entity_id   1
_entity_poly.type   'polypeptide(L)'
_entity_poly.pdbx_seq_one_letter_code
;DYKDDDDAMGQPGNGSAFLLAPNRSHAPDHDVTQQRDEVWVVGMGIVMSLIVLAIVFGNVLVITAIAKFERLQTVTNYFI
TSLACADLVMGLAVVPFGAAHILMKMWTFGNFWCEFWTSIDVLCVTASIWTLCVIAVDRYFAITSPFKYQSLLTKNKARV
IILMVWIVSGLTSFLPIQMHWYRATHQEAINCYAEETCCDFFTNQAYAIASSIVSFYVPLVIMVFVYSRVFQEAKRQLNI
FEMLRIDEGLRLKIYKDTEGYYTIGIGHLLTKSPSLNAAKSELDKAIGRNTNGVITKDEAEKLFNQDVDAAVRGILRNAK
LKPVYDSLDAVRRAALINMVFQMGETGVAGFTNSLRMLQQKRWDEAAVNLAKSRWYNQTPNRAKRVITTFRTGTWDAYKF
CLKEHKALKTLGIIMGTFTLCWLPFFIVNIVHVIQDNLIRKEVYILLNWIGYVNSGFNPLIYCRSPDFRIAFQELLCLRR
SSLKHHHHHH
;
_entity_poly.pdbx_strand_id   A
#
loop_
_chem_comp.id
_chem_comp.type
_chem_comp.name
_chem_comp.formula
CLR non-polymer CHOLESTEROL 'C27 H46 O'
OLC non-polymer '(2R)-2,3-dihydroxypropyl (9Z)-octadec-9-enoate' 'C21 H40 O4'
TIM non-polymer (2S)-1-(tert-butylamino)-3-[(4-morpholin-4-yl-1,2,5-thiadiazol-3-yl)oxy]propan-2-ol 'C13 H24 N4 O3 S'
#
# COMPACT_ATOMS: atom_id res chain seq x y z
N TRP A 40 12.88 -38.44 -2.23
CA TRP A 40 12.48 -37.33 -1.33
C TRP A 40 13.32 -36.07 -1.57
N VAL A 41 14.63 -36.24 -1.66
CA VAL A 41 15.60 -35.15 -1.89
C VAL A 41 15.27 -34.34 -3.15
N VAL A 42 14.85 -35.04 -4.20
CA VAL A 42 14.47 -34.44 -5.48
C VAL A 42 13.20 -33.60 -5.32
N GLY A 43 12.19 -34.18 -4.67
CA GLY A 43 10.89 -33.51 -4.41
C GLY A 43 10.97 -32.14 -3.77
N MET A 44 11.98 -31.94 -2.91
CA MET A 44 12.23 -30.66 -2.23
C MET A 44 13.17 -29.79 -3.06
N GLY A 45 14.10 -30.43 -3.78
CA GLY A 45 15.06 -29.75 -4.66
C GLY A 45 14.38 -29.01 -5.79
N ILE A 46 13.29 -29.59 -6.30
CA ILE A 46 12.48 -28.99 -7.36
C ILE A 46 11.76 -27.77 -6.78
N VAL A 47 11.16 -27.93 -5.59
CA VAL A 47 10.44 -26.86 -4.88
C VAL A 47 11.36 -25.66 -4.66
N MET A 48 12.55 -25.90 -4.12
CA MET A 48 13.55 -24.83 -3.87
C MET A 48 14.01 -24.15 -5.16
N SER A 49 14.04 -24.90 -6.26
CA SER A 49 14.43 -24.34 -7.56
C SER A 49 13.31 -23.44 -8.10
N LEU A 50 12.05 -23.82 -7.84
CA LEU A 50 10.89 -23.02 -8.25
C LEU A 50 10.80 -21.75 -7.39
N ILE A 51 11.35 -21.79 -6.18
CA ILE A 51 11.40 -20.63 -5.29
C ILE A 51 12.43 -19.64 -5.84
N VAL A 52 13.65 -20.14 -6.09
CA VAL A 52 14.76 -19.34 -6.67
C VAL A 52 14.35 -18.62 -7.95
N LEU A 53 13.71 -19.35 -8.86
CA LEU A 53 13.23 -18.81 -10.13
C LEU A 53 12.12 -17.77 -9.93
N ALA A 54 11.16 -18.05 -9.06
CA ALA A 54 10.03 -17.12 -8.79
C ALA A 54 10.50 -15.77 -8.20
N ILE A 55 11.54 -15.82 -7.39
CA ILE A 55 12.11 -14.62 -6.76
C ILE A 55 12.86 -13.77 -7.81
N VAL A 56 13.73 -14.42 -8.59
CA VAL A 56 14.51 -13.74 -9.64
C VAL A 56 13.60 -13.19 -10.75
N PHE A 57 12.69 -14.03 -11.26
CA PHE A 57 11.73 -13.66 -12.31
C PHE A 57 10.88 -12.46 -11.93
N GLY A 58 10.20 -12.59 -10.80
CA GLY A 58 9.31 -11.55 -10.28
C GLY A 58 9.97 -10.22 -9.97
N ASN A 59 11.11 -10.26 -9.30
CA ASN A 59 11.84 -9.03 -8.93
C ASN A 59 12.48 -8.33 -10.13
N VAL A 60 13.03 -9.07 -11.08
CA VAL A 60 13.62 -8.48 -12.31
C VAL A 60 12.49 -7.76 -13.07
N LEU A 61 11.32 -8.41 -13.13
CA LEU A 61 10.13 -7.87 -13.76
C LEU A 61 9.67 -6.56 -13.10
N VAL A 62 9.76 -6.50 -11.77
CA VAL A 62 9.41 -5.30 -11.00
C VAL A 62 10.42 -4.17 -11.27
N ILE A 63 11.71 -4.50 -11.23
CA ILE A 63 12.80 -3.54 -11.47
C ILE A 63 12.75 -2.94 -12.89
N THR A 64 12.57 -3.80 -13.89
CA THR A 64 12.50 -3.40 -15.30
C THR A 64 11.33 -2.43 -15.57
N ALA A 65 10.16 -2.73 -14.98
CA ALA A 65 8.95 -1.91 -15.13
C ALA A 65 9.12 -0.48 -14.60
N ILE A 66 9.76 -0.35 -13.43
CA ILE A 66 10.00 0.94 -12.80
C ILE A 66 11.12 1.71 -13.54
N ALA A 67 12.00 0.99 -14.23
CA ALA A 67 13.10 1.61 -14.99
C ALA A 67 12.77 1.95 -16.45
N LYS A 68 11.65 1.43 -16.93
CA LYS A 68 11.25 1.59 -18.31
C LYS A 68 10.10 2.54 -18.51
N PHE A 69 9.08 2.37 -17.70
CA PHE A 69 7.86 3.18 -17.76
C PHE A 69 7.96 4.41 -16.85
N GLU A 70 7.78 5.60 -17.44
CA GLU A 70 7.88 6.89 -16.73
C GLU A 70 6.78 7.12 -15.70
N ARG A 71 5.61 6.51 -15.96
CA ARG A 71 4.45 6.62 -15.09
C ARG A 71 4.73 6.00 -13.70
N LEU A 72 5.56 4.95 -13.68
CA LEU A 72 5.96 4.27 -12.44
C LEU A 72 7.23 4.86 -11.80
N GLN A 73 7.78 5.93 -12.36
CA GLN A 73 9.00 6.55 -11.83
C GLN A 73 8.64 7.61 -10.77
N THR A 74 8.13 7.10 -9.65
CA THR A 74 7.72 7.90 -8.51
C THR A 74 8.60 7.54 -7.32
N VAL A 75 8.70 8.46 -6.35
CA VAL A 75 9.53 8.29 -5.13
C VAL A 75 9.25 6.98 -4.37
N THR A 76 7.97 6.59 -4.27
CA THR A 76 7.57 5.34 -3.61
C THR A 76 8.16 4.13 -4.33
N ASN A 77 8.07 4.12 -5.66
CA ASN A 77 8.60 3.02 -6.47
C ASN A 77 10.16 2.94 -6.52
N TYR A 78 10.82 4.01 -6.07
CA TYR A 78 12.28 4.05 -5.96
C TYR A 78 12.68 3.17 -4.77
N PHE A 79 11.90 3.24 -3.70
CA PHE A 79 12.13 2.41 -2.52
C PHE A 79 11.73 0.96 -2.84
N ILE A 80 10.69 0.80 -3.65
CA ILE A 80 10.23 -0.53 -4.10
C ILE A 80 11.32 -1.20 -4.95
N THR A 81 12.06 -0.39 -5.73
CA THR A 81 13.17 -0.86 -6.54
C THR A 81 14.26 -1.38 -5.59
N SER A 82 14.58 -0.58 -4.57
CA SER A 82 15.56 -0.93 -3.53
C SER A 82 15.16 -2.22 -2.83
N LEU A 83 13.87 -2.36 -2.58
CA LEU A 83 13.30 -3.52 -1.94
C LEU A 83 13.37 -4.75 -2.87
N ALA A 84 13.10 -4.52 -4.16
CA ALA A 84 13.14 -5.59 -5.18
C ALA A 84 14.56 -6.08 -5.47
N CYS A 85 15.54 -5.17 -5.38
CA CYS A 85 16.95 -5.52 -5.58
C CYS A 85 17.47 -6.36 -4.43
N ALA A 86 16.99 -6.08 -3.22
CA ALA A 86 17.34 -6.83 -2.01
C ALA A 86 16.85 -8.26 -2.15
N ASP A 87 15.66 -8.39 -2.71
CA ASP A 87 15.04 -9.69 -2.95
C ASP A 87 15.70 -10.39 -4.16
N LEU A 88 16.20 -9.61 -5.12
CA LEU A 88 16.88 -10.16 -6.31
C LEU A 88 18.24 -10.75 -5.92
N VAL A 89 18.96 -10.07 -5.01
CA VAL A 89 20.25 -10.53 -4.50
C VAL A 89 20.02 -11.77 -3.61
N MET A 90 18.85 -11.81 -2.96
CA MET A 90 18.44 -12.90 -2.10
C MET A 90 18.21 -14.16 -2.96
N GLY A 91 17.51 -13.99 -4.09
CA GLY A 91 17.22 -15.09 -5.00
C GLY A 91 18.38 -15.57 -5.86
N LEU A 92 19.37 -14.70 -6.10
CA LEU A 92 20.54 -15.04 -6.92
C LEU A 92 21.78 -15.49 -6.12
N ALA A 93 22.06 -14.82 -5.00
CA ALA A 93 23.25 -15.11 -4.19
C ALA A 93 23.02 -15.72 -2.79
N VAL A 94 21.79 -15.78 -2.30
CA VAL A 94 21.55 -16.33 -0.94
C VAL A 94 20.80 -17.68 -0.97
N VAL A 95 19.57 -17.70 -1.47
CA VAL A 95 18.75 -18.93 -1.53
C VAL A 95 19.42 -20.13 -2.27
N PRO A 96 20.04 -19.91 -3.46
CA PRO A 96 20.69 -21.04 -4.17
C PRO A 96 21.77 -21.79 -3.36
N PHE A 97 22.60 -21.05 -2.64
CA PHE A 97 23.65 -21.63 -1.81
C PHE A 97 23.09 -22.18 -0.50
N GLY A 98 21.95 -21.64 -0.07
CA GLY A 98 21.25 -22.09 1.12
C GLY A 98 20.64 -23.45 0.85
N ALA A 99 20.09 -23.60 -0.36
CA ALA A 99 19.48 -24.85 -0.83
C ALA A 99 20.54 -25.94 -1.01
N ALA A 100 21.74 -25.54 -1.45
CA ALA A 100 22.86 -26.47 -1.63
C ALA A 100 23.34 -26.96 -0.27
N HIS A 101 23.40 -26.06 0.70
CA HIS A 101 23.82 -26.37 2.08
C HIS A 101 22.88 -27.38 2.79
N ILE A 102 21.59 -27.31 2.48
CA ILE A 102 20.59 -28.21 3.08
C ILE A 102 20.57 -29.61 2.47
N LEU A 103 20.44 -29.70 1.14
CA LEU A 103 20.36 -31.00 0.43
C LEU A 103 21.65 -31.84 0.52
N MET A 104 22.80 -31.18 0.49
CA MET A 104 24.10 -31.85 0.58
C MET A 104 24.52 -32.06 2.04
N LYS A 105 23.86 -31.34 2.96
CA LYS A 105 24.13 -31.38 4.43
C LYS A 105 25.58 -30.97 4.80
N MET A 106 26.20 -30.17 3.93
CA MET A 106 27.56 -29.67 4.11
C MET A 106 27.78 -28.44 3.26
N TRP A 107 28.88 -27.73 3.52
CA TRP A 107 29.22 -26.50 2.79
C TRP A 107 30.46 -26.69 1.93
N THR A 108 30.26 -26.84 0.62
CA THR A 108 31.35 -27.06 -0.32
C THR A 108 31.78 -25.79 -1.06
N PHE A 109 31.63 -24.62 -0.44
CA PHE A 109 32.01 -23.35 -1.07
C PHE A 109 33.19 -22.65 -0.36
N GLY A 110 33.74 -23.28 0.67
CA GLY A 110 34.88 -22.74 1.43
C GLY A 110 34.54 -21.76 2.54
N ASN A 111 35.54 -21.43 3.34
CA ASN A 111 35.37 -20.49 4.46
C ASN A 111 35.17 -19.02 4.05
N PHE A 112 35.61 -18.65 2.85
CA PHE A 112 35.43 -17.27 2.38
C PHE A 112 33.98 -16.98 2.03
N TRP A 113 33.44 -17.78 1.12
CA TRP A 113 32.05 -17.59 0.66
C TRP A 113 31.03 -17.84 1.81
N CYS A 114 31.37 -18.71 2.76
CA CYS A 114 30.48 -18.98 3.92
C CYS A 114 30.11 -17.71 4.69
N GLU A 115 31.12 -16.87 4.93
CA GLU A 115 30.97 -15.60 5.64
C GLU A 115 30.39 -14.50 4.76
N PHE A 116 30.82 -14.46 3.50
CA PHE A 116 30.37 -13.48 2.53
C PHE A 116 28.89 -13.74 2.24
N TRP A 117 28.50 -15.02 2.16
CA TRP A 117 27.12 -15.46 1.94
C TRP A 117 26.22 -15.09 3.12
N THR A 118 26.74 -15.26 4.32
CA THR A 118 26.01 -14.92 5.56
C THR A 118 25.84 -13.40 5.67
N SER A 119 26.88 -12.65 5.30
CA SER A 119 26.85 -11.19 5.34
C SER A 119 25.83 -10.62 4.34
N ILE A 120 25.76 -11.20 3.14
CA ILE A 120 24.80 -10.78 2.11
C ILE A 120 23.37 -11.10 2.56
N ASP A 121 23.20 -12.25 3.21
CA ASP A 121 21.92 -12.70 3.75
C ASP A 121 21.44 -11.70 4.80
N VAL A 122 22.32 -11.37 5.75
CA VAL A 122 22.01 -10.41 6.81
C VAL A 122 21.76 -9.01 6.22
N LEU A 123 22.54 -8.63 5.19
CA LEU A 123 22.40 -7.33 4.51
C LEU A 123 21.02 -7.12 3.92
N CYS A 124 20.61 -8.04 3.03
CA CYS A 124 19.32 -7.97 2.33
C CYS A 124 18.10 -7.85 3.25
N VAL A 125 18.08 -8.61 4.34
CA VAL A 125 16.98 -8.57 5.31
C VAL A 125 16.96 -7.22 6.02
N THR A 126 18.14 -6.75 6.44
CA THR A 126 18.31 -5.45 7.11
C THR A 126 17.91 -4.31 6.17
N ALA A 127 18.39 -4.38 4.92
CA ALA A 127 18.09 -3.37 3.90
C ALA A 127 16.60 -3.31 3.58
N SER A 128 15.93 -4.47 3.56
CA SER A 128 14.50 -4.55 3.26
C SER A 128 13.63 -3.93 4.37
N ILE A 129 13.85 -4.33 5.61
CA ILE A 129 13.07 -3.82 6.76
C ILE A 129 13.28 -2.31 6.98
N TRP A 130 14.50 -1.81 6.74
CA TRP A 130 14.77 -0.37 6.86
C TRP A 130 14.18 0.42 5.69
N THR A 131 14.12 -0.19 4.51
CA THR A 131 13.52 0.44 3.33
C THR A 131 12.03 0.59 3.59
N LEU A 132 11.40 -0.47 4.11
CA LEU A 132 9.98 -0.45 4.46
C LEU A 132 9.68 0.57 5.56
N CYS A 133 10.59 0.72 6.51
CA CYS A 133 10.46 1.70 7.59
C CYS A 133 10.50 3.09 6.99
N VAL A 134 11.44 3.31 6.06
CA VAL A 134 11.59 4.59 5.34
C VAL A 134 10.32 4.88 4.51
N ILE A 135 9.75 3.85 3.89
CA ILE A 135 8.51 3.98 3.10
C ILE A 135 7.38 4.43 4.01
N ALA A 136 7.29 3.80 5.19
CA ALA A 136 6.26 4.14 6.19
C ALA A 136 6.38 5.59 6.65
N VAL A 137 7.62 6.03 6.89
CA VAL A 137 7.90 7.40 7.31
C VAL A 137 7.60 8.37 6.16
N ASP A 138 8.00 8.00 4.93
CA ASP A 138 7.76 8.81 3.73
C ASP A 138 6.27 9.04 3.52
N ARG A 139 5.48 7.97 3.62
CA ARG A 139 4.02 8.04 3.46
C ARG A 139 3.34 8.82 4.59
N TYR A 140 3.97 8.87 5.78
CA TYR A 140 3.41 9.63 6.90
C TYR A 140 3.52 11.13 6.64
N PHE A 141 4.71 11.59 6.26
CA PHE A 141 4.93 13.01 5.96
C PHE A 141 4.22 13.48 4.68
N ALA A 142 3.90 12.53 3.79
CA ALA A 142 3.20 12.82 2.56
C ALA A 142 1.71 13.08 2.81
N ILE A 143 1.09 12.25 3.65
CA ILE A 143 -0.35 12.37 3.94
C ILE A 143 -0.67 13.46 4.99
N THR A 144 0.28 13.79 5.86
CA THR A 144 0.07 14.85 6.88
C THR A 144 0.15 16.26 6.28
N SER A 145 0.86 16.38 5.16
CA SER A 145 1.03 17.64 4.45
C SER A 145 -0.17 17.85 3.51
N PRO A 146 -0.46 19.13 3.11
CA PRO A 146 -1.58 19.40 2.18
C PRO A 146 -1.43 18.69 0.83
N PHE A 147 -0.19 18.43 0.40
CA PHE A 147 0.08 17.68 -0.82
C PHE A 147 -0.10 16.23 -0.41
N LYS A 148 -1.36 15.85 -0.24
CA LYS A 148 -1.74 14.54 0.21
C LYS A 148 -1.36 13.53 -0.88
N TYR A 149 -0.74 12.44 -0.43
CA TYR A 149 -0.26 11.29 -1.26
C TYR A 149 1.00 11.61 -2.11
N GLN A 150 1.55 12.81 -1.99
CA GLN A 150 2.76 13.23 -2.70
C GLN A 150 3.92 13.32 -1.73
N SER A 151 5.04 12.67 -2.10
CA SER A 151 6.24 12.66 -1.28
C SER A 151 6.91 14.03 -1.22
N LEU A 152 7.39 14.39 -0.03
CA LEU A 152 8.09 15.65 0.18
C LEU A 152 9.52 15.56 -0.35
N LEU A 153 10.02 14.32 -0.47
CA LEU A 153 11.35 14.05 -0.97
C LEU A 153 11.39 14.15 -2.49
N THR A 154 12.50 14.68 -3.01
CA THR A 154 12.71 14.77 -4.44
C THR A 154 13.32 13.45 -4.90
N LYS A 155 13.37 13.22 -6.21
CA LYS A 155 13.93 11.97 -6.76
C LYS A 155 15.42 11.83 -6.44
N ASN A 156 16.18 12.92 -6.59
CA ASN A 156 17.63 12.92 -6.27
C ASN A 156 17.93 12.74 -4.78
N LYS A 157 16.99 13.14 -3.92
CA LYS A 157 17.16 13.01 -2.48
C LYS A 157 16.76 11.59 -2.07
N ALA A 158 15.73 11.04 -2.72
CA ALA A 158 15.25 9.68 -2.46
C ALA A 158 16.33 8.63 -2.75
N ARG A 159 17.13 8.86 -3.80
CA ARG A 159 18.23 7.96 -4.17
C ARG A 159 19.34 7.97 -3.10
N VAL A 160 19.55 9.12 -2.48
CA VAL A 160 20.56 9.29 -1.42
C VAL A 160 20.14 8.52 -0.16
N ILE A 161 18.84 8.58 0.16
CA ILE A 161 18.27 7.86 1.31
C ILE A 161 18.57 6.37 1.13
N ILE A 162 18.13 5.84 -0.02
CA ILE A 162 18.34 4.45 -0.42
C ILE A 162 19.81 4.07 -0.32
N LEU A 163 20.67 4.89 -0.92
CA LEU A 163 22.13 4.66 -0.92
C LEU A 163 22.69 4.53 0.50
N MET A 164 22.28 5.43 1.40
CA MET A 164 22.73 5.38 2.81
C MET A 164 22.13 4.19 3.57
N VAL A 165 20.90 3.79 3.21
CA VAL A 165 20.23 2.63 3.83
C VAL A 165 21.01 1.35 3.49
N TRP A 166 21.68 1.33 2.33
CA TRP A 166 22.51 0.18 1.90
C TRP A 166 23.95 0.28 2.42
N ILE A 167 24.46 1.50 2.58
CA ILE A 167 25.82 1.73 3.10
C ILE A 167 25.87 1.40 4.61
N VAL A 168 24.94 1.96 5.37
CA VAL A 168 24.86 1.72 6.83
C VAL A 168 24.53 0.25 7.12
N SER A 169 23.58 -0.33 6.36
CA SER A 169 23.23 -1.75 6.51
C SER A 169 24.39 -2.64 6.07
N GLY A 170 25.21 -2.11 5.15
CA GLY A 170 26.40 -2.82 4.66
C GLY A 170 27.40 -2.94 5.79
N LEU A 171 27.68 -1.82 6.46
CA LEU A 171 28.60 -1.80 7.61
C LEU A 171 28.08 -2.63 8.79
N THR A 172 26.81 -2.47 9.16
CA THR A 172 26.25 -3.23 10.31
C THR A 172 26.04 -4.73 10.06
N SER A 173 26.06 -5.17 8.79
CA SER A 173 25.89 -6.59 8.45
C SER A 173 27.22 -7.27 8.17
N PHE A 174 27.98 -6.72 7.22
CA PHE A 174 29.30 -7.27 6.84
C PHE A 174 30.37 -7.17 7.92
N LEU A 175 30.66 -5.94 8.35
CA LEU A 175 31.75 -5.67 9.35
C LEU A 175 31.72 -6.60 10.61
N PRO A 176 30.57 -6.75 11.32
CA PRO A 176 30.61 -7.66 12.49
C PRO A 176 30.84 -9.15 12.17
N ILE A 177 30.65 -9.53 10.91
CA ILE A 177 30.87 -10.89 10.43
C ILE A 177 32.31 -11.06 9.91
N GLN A 178 32.79 -10.07 9.16
CA GLN A 178 34.14 -10.08 8.59
C GLN A 178 35.23 -9.86 9.66
N MET A 179 34.89 -9.12 10.73
CA MET A 179 35.81 -8.82 11.84
C MET A 179 35.68 -9.80 13.03
N HIS A 180 34.92 -10.90 12.85
CA HIS A 180 34.71 -11.96 13.86
C HIS A 180 34.09 -11.52 15.20
N TRP A 181 33.30 -10.44 15.22
CA TRP A 181 32.70 -10.00 16.49
C TRP A 181 31.47 -10.87 16.84
N TYR A 182 30.94 -11.56 15.83
CA TYR A 182 29.79 -12.43 15.99
C TYR A 182 30.12 -13.77 16.65
N ARG A 183 31.29 -14.32 16.33
CA ARG A 183 31.74 -15.67 16.79
C ARG A 183 31.59 -16.05 18.26
N ALA A 184 31.16 -17.29 18.48
CA ALA A 184 30.98 -17.85 19.82
C ALA A 184 32.31 -18.41 20.28
N THR A 185 32.46 -18.54 21.60
CA THR A 185 33.71 -19.05 22.21
C THR A 185 33.68 -20.53 22.65
N HIS A 186 32.51 -21.19 22.57
CA HIS A 186 32.41 -22.60 22.98
C HIS A 186 33.05 -23.53 21.93
N GLN A 187 33.35 -24.76 22.34
CA GLN A 187 34.04 -25.75 21.49
C GLN A 187 33.32 -26.17 20.19
N GLU A 188 32.02 -26.49 20.26
CA GLU A 188 31.22 -26.89 19.08
C GLU A 188 31.28 -25.85 17.95
N ALA A 189 31.31 -24.58 18.33
CA ALA A 189 31.37 -23.45 17.38
C ALA A 189 32.74 -23.35 16.70
N ILE A 190 33.80 -23.36 17.52
CA ILE A 190 35.21 -23.25 17.03
C ILE A 190 35.56 -24.39 16.03
N ASN A 191 34.96 -25.56 16.24
CA ASN A 191 35.14 -26.70 15.34
C ASN A 191 34.53 -26.44 13.96
N CYS A 192 33.41 -25.72 13.95
CA CYS A 192 32.70 -25.38 12.69
C CYS A 192 33.42 -24.27 11.90
N TYR A 193 34.04 -23.32 12.61
CA TYR A 193 34.75 -22.22 11.94
C TYR A 193 36.04 -22.72 11.27
N ALA A 194 36.71 -23.66 11.93
CA ALA A 194 37.95 -24.25 11.42
C ALA A 194 37.70 -25.18 10.23
N GLU A 195 36.62 -25.95 10.30
CA GLU A 195 36.24 -26.89 9.24
C GLU A 195 35.61 -26.14 8.06
N GLU A 196 36.16 -26.34 6.86
CA GLU A 196 35.61 -25.69 5.64
C GLU A 196 34.24 -26.22 5.26
N THR A 197 34.00 -27.51 5.50
CA THR A 197 32.71 -28.15 5.15
C THR A 197 31.54 -27.82 6.12
N CYS A 198 31.78 -26.95 7.10
CA CYS A 198 30.75 -26.54 8.07
C CYS A 198 30.49 -25.05 7.94
N CYS A 199 29.21 -24.68 7.83
CA CYS A 199 28.81 -23.28 7.72
C CYS A 199 27.55 -23.01 8.55
N ASP A 200 27.53 -23.58 9.75
CA ASP A 200 26.43 -23.37 10.70
C ASP A 200 26.71 -22.03 11.33
N PHE A 201 25.68 -21.19 11.41
CA PHE A 201 25.85 -19.83 11.93
C PHE A 201 25.75 -19.73 13.47
N PHE A 202 26.90 -20.00 14.12
CA PHE A 202 27.03 -19.91 15.56
C PHE A 202 27.41 -18.48 15.90
N THR A 203 26.68 -17.87 16.83
CA THR A 203 26.96 -16.51 17.24
C THR A 203 27.01 -16.40 18.75
N ASN A 204 27.66 -15.36 19.24
CA ASN A 204 27.73 -15.10 20.66
C ASN A 204 26.41 -14.44 21.05
N GLN A 205 26.04 -14.54 22.32
CA GLN A 205 24.78 -13.99 22.83
C GLN A 205 24.62 -12.47 22.63
N ALA A 206 25.73 -11.74 22.68
CA ALA A 206 25.74 -10.29 22.50
C ALA A 206 25.34 -9.86 21.09
N TYR A 207 25.95 -10.51 20.09
CA TYR A 207 25.66 -10.22 18.67
C TYR A 207 24.23 -10.56 18.31
N ALA A 208 23.80 -11.77 18.68
CA ALA A 208 22.45 -12.27 18.42
C ALA A 208 21.32 -11.33 18.91
N ILE A 209 21.57 -10.62 20.00
CA ILE A 209 20.59 -9.66 20.54
C ILE A 209 20.77 -8.29 19.89
N ALA A 210 22.00 -7.75 19.95
CA ALA A 210 22.33 -6.42 19.39
C ALA A 210 21.98 -6.26 17.91
N SER A 211 22.36 -7.26 17.10
CA SER A 211 22.08 -7.22 15.67
C SER A 211 20.57 -7.32 15.39
N SER A 212 19.88 -8.22 16.08
CA SER A 212 18.43 -8.40 15.91
C SER A 212 17.62 -7.13 16.21
N ILE A 213 18.00 -6.42 17.27
CA ILE A 213 17.33 -5.18 17.66
C ILE A 213 17.61 -4.05 16.65
N VAL A 214 18.88 -3.79 16.38
CA VAL A 214 19.29 -2.72 15.45
C VAL A 214 18.91 -3.01 13.99
N SER A 215 19.12 -4.24 13.52
CA SER A 215 18.80 -4.61 12.14
C SER A 215 17.32 -4.89 11.87
N PHE A 216 16.60 -5.48 12.83
CA PHE A 216 15.17 -5.84 12.58
C PHE A 216 14.11 -5.24 13.51
N TYR A 217 14.23 -5.39 14.83
CA TYR A 217 13.18 -4.88 15.77
C TYR A 217 12.97 -3.37 15.79
N VAL A 218 14.04 -2.57 15.80
CA VAL A 218 13.92 -1.09 15.80
C VAL A 218 13.16 -0.58 14.55
N PRO A 219 13.60 -0.93 13.32
CA PRO A 219 12.82 -0.46 12.15
C PRO A 219 11.42 -1.09 12.04
N LEU A 220 11.21 -2.27 12.65
CA LEU A 220 9.92 -2.95 12.64
C LEU A 220 8.89 -2.21 13.47
N VAL A 221 9.23 -1.97 14.74
CA VAL A 221 8.35 -1.28 15.70
C VAL A 221 7.97 0.12 15.18
N ILE A 222 8.94 0.84 14.64
CA ILE A 222 8.72 2.17 14.07
C ILE A 222 7.78 2.06 12.86
N MET A 223 8.09 1.15 11.93
CA MET A 223 7.26 0.91 10.72
C MET A 223 5.81 0.65 11.09
N VAL A 224 5.60 -0.33 11.97
CA VAL A 224 4.26 -0.72 12.44
C VAL A 224 3.55 0.45 13.16
N PHE A 225 4.29 1.24 13.93
CA PHE A 225 3.72 2.39 14.65
C PHE A 225 3.41 3.56 13.70
N VAL A 226 4.37 3.90 12.85
CA VAL A 226 4.24 5.01 11.89
C VAL A 226 3.21 4.72 10.77
N TYR A 227 3.17 3.49 10.27
CA TYR A 227 2.25 3.18 9.17
C TYR A 227 0.81 2.89 9.67
N SER A 228 0.63 2.70 10.99
CA SER A 228 -0.70 2.50 11.55
C SER A 228 -1.36 3.87 11.53
N ARG A 229 -0.55 4.90 11.78
CA ARG A 229 -0.97 6.30 11.74
C ARG A 229 -1.38 6.70 10.32
N VAL A 230 -0.67 6.17 9.32
CA VAL A 230 -0.96 6.44 7.90
C VAL A 230 -2.38 5.99 7.54
N PHE A 231 -2.77 4.80 8.02
CA PHE A 231 -4.14 4.30 7.81
C PHE A 231 -5.17 5.15 8.55
N GLN A 232 -4.77 5.71 9.68
CA GLN A 232 -5.65 6.58 10.49
C GLN A 232 -5.78 7.97 9.87
N GLU A 233 -4.69 8.49 9.28
CA GLU A 233 -4.72 9.81 8.62
C GLU A 233 -5.55 9.76 7.34
N ALA A 234 -5.52 8.60 6.66
CA ALA A 234 -6.29 8.37 5.44
C ALA A 234 -7.78 8.35 5.75
N LYS A 235 -8.14 7.63 6.82
CA LYS A 235 -9.52 7.51 7.29
C LYS A 235 -10.03 8.81 7.94
N ARG A 236 -9.13 9.71 8.33
CA ARG A 236 -9.51 10.96 8.97
C ARG A 236 -9.60 12.14 8.00
N GLN A 237 -8.54 12.38 7.25
CA GLN A 237 -8.46 13.53 6.32
C GLN A 237 -9.35 13.47 5.07
N LEU A 238 -9.93 12.30 4.74
CA LEU A 238 -10.78 12.23 3.53
C LEU A 238 -12.09 12.97 3.80
N ASN A 239 -12.41 13.86 2.87
CA ASN A 239 -13.58 14.73 2.92
C ASN A 239 -14.59 14.36 1.81
N ILE A 240 -15.50 15.27 1.49
CA ILE A 240 -16.50 15.03 0.45
C ILE A 240 -15.93 15.13 -0.97
N PHE A 241 -14.78 15.81 -1.11
CA PHE A 241 -14.12 16.01 -2.41
C PHE A 241 -13.58 14.65 -2.89
N GLU A 242 -13.21 13.79 -1.95
CA GLU A 242 -12.75 12.44 -2.26
C GLU A 242 -13.94 11.46 -2.27
N MET A 243 -14.90 11.66 -1.36
CA MET A 243 -16.13 10.84 -1.25
C MET A 243 -16.89 10.80 -2.57
N LEU A 244 -17.16 11.98 -3.12
CA LEU A 244 -17.85 12.09 -4.40
C LEU A 244 -16.97 11.61 -5.54
N ARG A 245 -15.69 11.96 -5.51
CA ARG A 245 -14.73 11.57 -6.58
C ARG A 245 -14.79 10.02 -6.70
N ILE A 246 -14.78 9.31 -5.56
CA ILE A 246 -14.89 7.85 -5.57
C ILE A 246 -16.17 7.28 -6.22
N ASP A 247 -17.33 7.53 -5.61
CA ASP A 247 -18.62 6.96 -6.13
C ASP A 247 -19.23 7.65 -7.39
N GLU A 248 -18.60 8.74 -7.86
CA GLU A 248 -19.04 9.44 -9.05
C GLU A 248 -18.10 9.12 -10.22
N GLY A 249 -16.84 8.84 -9.89
CA GLY A 249 -15.80 8.51 -10.88
C GLY A 249 -15.29 9.74 -11.60
N LEU A 250 -14.36 9.56 -12.53
CA LEU A 250 -13.81 10.68 -13.32
C LEU A 250 -13.49 10.23 -14.74
N ARG A 251 -14.05 10.95 -15.70
CA ARG A 251 -13.86 10.69 -17.13
C ARG A 251 -13.60 12.01 -17.84
N LEU A 252 -12.53 12.05 -18.64
CA LEU A 252 -12.14 13.27 -19.38
C LEU A 252 -12.94 13.51 -20.67
N LYS A 253 -13.68 12.50 -21.13
CA LYS A 253 -14.50 12.58 -22.34
C LYS A 253 -15.98 12.47 -22.00
N ILE A 254 -16.84 12.97 -22.89
CA ILE A 254 -18.29 12.96 -22.70
C ILE A 254 -18.86 11.54 -22.72
N TYR A 255 -19.57 11.19 -21.65
CA TYR A 255 -20.19 9.89 -21.49
C TYR A 255 -21.65 10.04 -21.08
N LYS A 256 -22.38 8.93 -21.13
CA LYS A 256 -23.78 8.92 -20.73
C LYS A 256 -23.86 8.26 -19.36
N ASP A 257 -24.55 8.92 -18.41
CA ASP A 257 -24.70 8.38 -17.05
C ASP A 257 -25.70 7.20 -17.02
N THR A 258 -26.11 6.78 -15.82
CA THR A 258 -27.06 5.68 -15.67
C THR A 258 -28.43 6.00 -16.30
N GLU A 259 -28.82 7.27 -16.21
CA GLU A 259 -30.09 7.76 -16.73
C GLU A 259 -30.04 7.98 -18.24
N GLY A 260 -28.83 8.11 -18.80
CA GLY A 260 -28.61 8.31 -20.24
C GLY A 260 -28.28 9.72 -20.69
N TYR A 261 -28.19 10.66 -19.75
CA TYR A 261 -27.88 12.06 -20.08
C TYR A 261 -26.38 12.26 -20.23
N TYR A 262 -26.00 13.19 -21.10
CA TYR A 262 -24.58 13.50 -21.34
C TYR A 262 -23.92 14.19 -20.14
N THR A 263 -22.92 13.50 -19.59
CA THR A 263 -22.17 13.94 -18.42
C THR A 263 -20.67 13.91 -18.72
N ILE A 264 -19.89 14.68 -17.97
CA ILE A 264 -18.43 14.72 -18.13
C ILE A 264 -17.76 15.06 -16.78
N GLY A 265 -16.50 14.69 -16.63
CA GLY A 265 -15.73 14.96 -15.41
C GLY A 265 -16.16 14.08 -14.26
N ILE A 266 -16.39 14.71 -13.11
CA ILE A 266 -16.82 14.01 -11.91
C ILE A 266 -18.33 14.24 -11.74
N GLY A 267 -19.10 13.56 -12.58
CA GLY A 267 -20.56 13.63 -12.58
C GLY A 267 -21.20 14.97 -12.82
N HIS A 268 -20.56 15.81 -13.63
CA HIS A 268 -21.08 17.13 -13.96
C HIS A 268 -22.01 17.02 -15.16
N LEU A 269 -23.31 17.14 -14.90
CA LEU A 269 -24.33 17.06 -15.93
C LEU A 269 -24.30 18.30 -16.83
N LEU A 270 -24.04 18.07 -18.12
CA LEU A 270 -23.98 19.13 -19.12
C LEU A 270 -25.37 19.54 -19.58
N THR A 271 -26.16 18.54 -20.02
CA THR A 271 -27.53 18.77 -20.49
C THR A 271 -28.34 17.48 -20.46
N LYS A 272 -29.66 17.63 -20.34
CA LYS A 272 -30.59 16.50 -20.32
C LYS A 272 -31.17 16.26 -21.74
N SER A 273 -30.71 17.05 -22.70
CA SER A 273 -31.11 16.95 -24.09
C SER A 273 -30.41 15.78 -24.77
N PRO A 274 -31.10 15.05 -25.68
CA PRO A 274 -30.47 13.92 -26.38
C PRO A 274 -29.46 14.30 -27.49
N SER A 275 -29.19 15.59 -27.66
CA SER A 275 -28.25 16.08 -28.67
C SER A 275 -26.82 16.10 -28.14
N LEU A 276 -25.90 15.54 -28.93
CA LEU A 276 -24.47 15.49 -28.58
C LEU A 276 -23.80 16.86 -28.73
N ASN A 277 -24.20 17.63 -29.75
CA ASN A 277 -23.65 18.98 -29.95
C ASN A 277 -24.15 19.97 -28.90
N ALA A 278 -25.32 19.68 -28.31
CA ALA A 278 -25.89 20.52 -27.25
C ALA A 278 -25.05 20.34 -25.99
N ALA A 279 -24.56 19.11 -25.79
CA ALA A 279 -23.70 18.77 -24.66
C ALA A 279 -22.35 19.45 -24.83
N LYS A 280 -21.85 19.46 -26.07
CA LYS A 280 -20.58 20.11 -26.41
C LYS A 280 -20.71 21.63 -26.32
N SER A 281 -21.90 22.15 -26.66
CA SER A 281 -22.18 23.59 -26.59
C SER A 281 -22.16 24.06 -25.13
N GLU A 282 -22.80 23.28 -24.26
CA GLU A 282 -22.84 23.58 -22.81
C GLU A 282 -21.47 23.36 -22.16
N LEU A 283 -20.64 22.52 -22.77
CA LEU A 283 -19.29 22.25 -22.28
C LEU A 283 -18.36 23.41 -22.68
N ASP A 284 -18.54 23.92 -23.90
CA ASP A 284 -17.75 25.07 -24.39
C ASP A 284 -18.12 26.34 -23.64
N LYS A 285 -19.37 26.43 -23.19
CA LYS A 285 -19.86 27.55 -22.41
C LYS A 285 -19.30 27.53 -20.99
N ALA A 286 -19.41 26.37 -20.34
CA ALA A 286 -18.94 26.16 -18.96
C ALA A 286 -17.44 26.42 -18.77
N ILE A 287 -16.63 25.89 -19.67
CA ILE A 287 -15.17 26.06 -19.61
C ILE A 287 -14.76 27.42 -20.18
N GLY A 288 -15.15 27.67 -21.42
CA GLY A 288 -14.83 28.93 -22.14
C GLY A 288 -13.88 28.74 -23.32
N ARG A 289 -13.97 27.58 -23.98
CA ARG A 289 -13.14 27.25 -25.14
C ARG A 289 -13.71 26.08 -25.92
N ASN A 290 -13.22 25.86 -27.15
CA ASN A 290 -13.65 24.73 -27.97
C ASN A 290 -12.99 23.45 -27.46
N THR A 291 -13.72 22.74 -26.61
CA THR A 291 -13.26 21.50 -25.99
C THR A 291 -13.36 20.25 -26.87
N ASN A 292 -14.32 20.24 -27.81
CA ASN A 292 -14.60 19.10 -28.71
C ASN A 292 -14.96 17.82 -27.94
N GLY A 293 -15.58 18.00 -26.77
CA GLY A 293 -15.98 16.90 -25.89
C GLY A 293 -14.83 16.27 -25.13
N VAL A 294 -13.73 17.02 -24.96
CA VAL A 294 -12.53 16.57 -24.24
C VAL A 294 -11.98 17.68 -23.33
N ILE A 295 -11.75 17.35 -22.05
CA ILE A 295 -11.21 18.31 -21.07
C ILE A 295 -10.03 17.71 -20.29
N THR A 296 -9.30 18.58 -19.58
CA THR A 296 -8.16 18.17 -18.77
C THR A 296 -8.66 17.82 -17.37
N LYS A 297 -7.77 17.32 -16.52
CA LYS A 297 -8.13 16.96 -15.14
C LYS A 297 -8.30 18.23 -14.29
N ASP A 298 -7.67 19.32 -14.71
CA ASP A 298 -7.75 20.61 -14.04
C ASP A 298 -9.14 21.19 -14.19
N GLU A 299 -9.61 21.25 -15.43
CA GLU A 299 -10.94 21.77 -15.78
C GLU A 299 -12.05 20.91 -15.16
N ALA A 300 -11.78 19.61 -15.03
CA ALA A 300 -12.73 18.67 -14.41
C ALA A 300 -12.84 18.95 -12.91
N GLU A 301 -11.74 19.33 -12.28
CA GLU A 301 -11.70 19.65 -10.85
C GLU A 301 -12.34 21.02 -10.59
N LYS A 302 -12.09 21.98 -11.47
CA LYS A 302 -12.67 23.34 -11.36
C LYS A 302 -14.20 23.29 -11.37
N LEU A 303 -14.76 22.45 -12.23
CA LEU A 303 -16.22 22.26 -12.31
C LEU A 303 -16.71 21.52 -11.07
N PHE A 304 -15.90 20.57 -10.59
CA PHE A 304 -16.23 19.77 -9.40
C PHE A 304 -16.31 20.66 -8.15
N ASN A 305 -15.46 21.69 -8.07
CA ASN A 305 -15.49 22.65 -6.96
C ASN A 305 -16.77 23.48 -6.98
N GLN A 306 -17.16 23.93 -8.17
CA GLN A 306 -18.39 24.71 -8.39
C GLN A 306 -19.64 23.93 -8.04
N ASP A 307 -19.69 22.67 -8.47
CA ASP A 307 -20.83 21.78 -8.22
C ASP A 307 -21.04 21.47 -6.74
N VAL A 308 -19.94 21.25 -6.00
CA VAL A 308 -19.99 20.98 -4.56
C VAL A 308 -20.46 22.22 -3.80
N ASP A 309 -19.89 23.38 -4.15
CA ASP A 309 -20.27 24.66 -3.54
C ASP A 309 -21.74 25.00 -3.79
N ALA A 310 -22.21 24.72 -5.01
CA ALA A 310 -23.61 24.94 -5.39
C ALA A 310 -24.54 24.04 -4.61
N ALA A 311 -24.07 22.84 -4.28
CA ALA A 311 -24.82 21.87 -3.50
C ALA A 311 -24.92 22.39 -2.08
N VAL A 312 -23.78 22.83 -1.51
CA VAL A 312 -23.72 23.40 -0.15
C VAL A 312 -24.66 24.58 0.02
N ARG A 313 -24.56 25.55 -0.89
CA ARG A 313 -25.41 26.74 -0.94
C ARG A 313 -26.88 26.38 -1.08
N GLY A 314 -27.16 25.37 -1.90
CA GLY A 314 -28.52 24.90 -2.14
C GLY A 314 -29.18 24.31 -0.90
N ILE A 315 -28.37 23.67 -0.04
CA ILE A 315 -28.85 23.09 1.22
C ILE A 315 -29.23 24.19 2.21
N LEU A 316 -28.37 25.23 2.28
CA LEU A 316 -28.60 26.38 3.16
C LEU A 316 -29.78 27.23 2.67
N ARG A 317 -30.03 27.20 1.36
CA ARG A 317 -31.14 27.94 0.75
C ARG A 317 -32.47 27.25 1.05
N ASN A 318 -32.55 25.94 0.77
CA ASN A 318 -33.78 25.17 0.99
C ASN A 318 -34.12 25.10 2.47
N ALA A 319 -35.33 25.58 2.81
CA ALA A 319 -35.84 25.62 4.19
C ALA A 319 -35.91 24.24 4.87
N LYS A 320 -36.13 23.18 4.09
CA LYS A 320 -36.20 21.82 4.62
C LYS A 320 -34.83 21.21 4.96
N LEU A 321 -33.85 21.43 4.07
CA LEU A 321 -32.49 20.91 4.24
C LEU A 321 -31.62 21.77 5.17
N LYS A 322 -32.02 23.04 5.37
CA LYS A 322 -31.29 24.02 6.21
C LYS A 322 -31.07 23.60 7.70
N PRO A 323 -32.14 23.20 8.43
CA PRO A 323 -31.88 22.83 9.84
C PRO A 323 -31.21 21.45 10.01
N VAL A 324 -31.38 20.57 9.02
CA VAL A 324 -30.81 19.22 9.05
C VAL A 324 -29.29 19.29 8.95
N TYR A 325 -28.78 20.14 8.06
CA TYR A 325 -27.34 20.32 7.83
C TYR A 325 -26.59 20.87 9.07
N ASP A 326 -27.27 21.68 9.87
CA ASP A 326 -26.68 22.28 11.09
C ASP A 326 -26.58 21.30 12.25
N SER A 327 -27.55 20.40 12.34
CA SER A 327 -27.60 19.39 13.39
C SER A 327 -26.60 18.24 13.17
N LEU A 328 -26.04 18.15 11.97
CA LEU A 328 -25.09 17.10 11.62
C LEU A 328 -23.64 17.52 11.81
N ASP A 329 -22.80 16.52 12.07
CA ASP A 329 -21.36 16.69 12.24
C ASP A 329 -20.68 16.74 10.88
N ALA A 330 -19.40 17.13 10.86
CA ALA A 330 -18.57 17.27 9.64
C ALA A 330 -18.65 16.10 8.62
N VAL A 331 -18.79 14.88 9.13
CA VAL A 331 -18.87 13.67 8.28
C VAL A 331 -20.28 13.42 7.70
N ARG A 332 -21.31 13.59 8.52
CA ARG A 332 -22.70 13.37 8.06
C ARG A 332 -23.19 14.48 7.12
N ARG A 333 -22.58 15.67 7.25
CA ARG A 333 -22.87 16.80 6.38
C ARG A 333 -22.43 16.44 4.97
N ALA A 334 -21.24 15.84 4.87
CA ALA A 334 -20.66 15.39 3.59
C ALA A 334 -21.56 14.35 2.92
N ALA A 335 -22.20 13.49 3.74
CA ALA A 335 -23.11 12.47 3.23
C ALA A 335 -24.41 13.11 2.72
N LEU A 336 -24.82 14.21 3.34
CA LEU A 336 -26.01 14.96 2.94
C LEU A 336 -25.76 15.73 1.65
N ILE A 337 -24.57 16.33 1.53
CA ILE A 337 -24.18 17.08 0.33
C ILE A 337 -24.03 16.11 -0.86
N ASN A 338 -23.60 14.88 -0.57
CA ASN A 338 -23.43 13.80 -1.56
C ASN A 338 -24.76 13.47 -2.25
N MET A 339 -25.83 13.38 -1.46
CA MET A 339 -27.18 13.10 -1.97
C MET A 339 -27.70 14.24 -2.84
N VAL A 340 -27.44 15.48 -2.40
CA VAL A 340 -27.85 16.69 -3.11
C VAL A 340 -27.08 16.84 -4.44
N PHE A 341 -25.83 16.39 -4.44
CA PHE A 341 -24.97 16.40 -5.61
C PHE A 341 -25.50 15.47 -6.71
N GLN A 342 -26.10 14.36 -6.28
CA GLN A 342 -26.65 13.34 -7.18
C GLN A 342 -28.10 13.57 -7.61
N MET A 343 -28.97 13.97 -6.68
CA MET A 343 -30.41 14.15 -6.97
C MET A 343 -30.92 15.59 -7.08
N GLY A 344 -30.28 16.52 -6.39
CA GLY A 344 -30.69 17.92 -6.39
C GLY A 344 -31.36 18.24 -5.06
N GLU A 345 -31.46 19.53 -4.76
CA GLU A 345 -32.03 20.03 -3.49
C GLU A 345 -33.52 19.67 -3.35
N THR A 346 -34.25 19.72 -4.46
CA THR A 346 -35.67 19.40 -4.50
C THR A 346 -35.91 17.90 -4.27
N GLY A 347 -35.05 17.07 -4.86
CA GLY A 347 -35.15 15.62 -4.74
C GLY A 347 -34.85 15.08 -3.35
N VAL A 348 -33.85 15.68 -2.68
CA VAL A 348 -33.46 15.28 -1.32
C VAL A 348 -34.49 15.80 -0.28
N ALA A 349 -35.23 16.85 -0.65
CA ALA A 349 -36.28 17.41 0.20
C ALA A 349 -37.50 16.47 0.32
N GLY A 350 -37.59 15.51 -0.61
CA GLY A 350 -38.67 14.52 -0.62
C GLY A 350 -38.63 13.52 0.53
N PHE A 351 -37.42 13.29 1.08
CA PHE A 351 -37.23 12.39 2.21
C PHE A 351 -37.69 13.10 3.49
N THR A 352 -39.01 13.22 3.65
CA THR A 352 -39.61 13.92 4.79
C THR A 352 -39.34 13.21 6.13
N ASN A 353 -39.33 11.87 6.11
CA ASN A 353 -39.09 11.06 7.30
C ASN A 353 -37.60 10.85 7.63
N SER A 354 -36.76 10.76 6.59
CA SER A 354 -35.32 10.57 6.76
C SER A 354 -34.66 11.82 7.32
N LEU A 355 -34.97 12.98 6.72
CA LEU A 355 -34.44 14.28 7.16
C LEU A 355 -34.85 14.59 8.60
N ARG A 356 -36.07 14.20 8.94
CA ARG A 356 -36.64 14.38 10.27
C ARG A 356 -35.78 13.70 11.34
N MET A 357 -35.49 12.42 11.13
CA MET A 357 -34.71 11.62 12.07
C MET A 357 -33.19 11.86 12.04
N LEU A 358 -32.68 12.53 10.99
CA LEU A 358 -31.25 12.86 10.92
C LEU A 358 -30.95 14.06 11.82
N GLN A 359 -31.97 14.89 12.05
CA GLN A 359 -31.86 16.05 12.92
C GLN A 359 -32.07 15.65 14.38
N GLN A 360 -32.87 14.60 14.59
CA GLN A 360 -33.16 14.05 15.92
C GLN A 360 -32.11 13.05 16.44
N LYS A 361 -30.98 12.92 15.72
CA LYS A 361 -29.85 12.03 16.05
C LYS A 361 -30.22 10.53 16.03
N ARG A 362 -31.27 10.18 15.28
CA ARG A 362 -31.78 8.81 15.16
C ARG A 362 -31.29 8.25 13.83
N TRP A 363 -30.00 7.91 13.83
CA TRP A 363 -29.28 7.43 12.63
C TRP A 363 -29.77 6.10 12.06
N ASP A 364 -29.85 5.10 12.93
CA ASP A 364 -30.27 3.75 12.57
C ASP A 364 -31.67 3.69 11.92
N GLU A 365 -32.61 4.47 12.43
CA GLU A 365 -33.98 4.52 11.87
C GLU A 365 -34.04 5.29 10.55
N ALA A 366 -33.32 6.42 10.48
CA ALA A 366 -33.26 7.27 9.28
C ALA A 366 -32.60 6.55 8.11
N ALA A 367 -31.63 5.69 8.41
CA ALA A 367 -30.92 4.90 7.41
C ALA A 367 -31.80 3.82 6.79
N VAL A 368 -32.81 3.35 7.52
CA VAL A 368 -33.76 2.34 7.03
C VAL A 368 -34.71 2.97 6.01
N ASN A 369 -35.14 4.20 6.27
CA ASN A 369 -36.05 4.94 5.38
C ASN A 369 -35.38 5.32 4.05
N LEU A 370 -34.07 5.54 4.08
CA LEU A 370 -33.28 5.87 2.88
C LEU A 370 -33.18 4.63 1.97
N ALA A 371 -33.31 3.45 2.56
CA ALA A 371 -33.30 2.19 1.84
C ALA A 371 -34.68 1.96 1.23
N LYS A 372 -35.71 2.52 1.87
CA LYS A 372 -37.10 2.46 1.42
C LYS A 372 -37.41 3.63 0.47
N SER A 373 -36.59 3.77 -0.56
CA SER A 373 -36.74 4.82 -1.55
C SER A 373 -36.17 4.36 -2.89
N ARG A 374 -36.62 5.03 -3.95
CA ARG A 374 -36.21 4.72 -5.33
C ARG A 374 -34.70 4.97 -5.58
N TRP A 375 -34.10 5.83 -4.75
CA TRP A 375 -32.67 6.16 -4.81
C TRP A 375 -31.78 4.95 -4.47
N TYR A 376 -32.17 4.18 -3.45
CA TYR A 376 -31.42 3.00 -3.04
C TYR A 376 -31.55 1.86 -4.06
N ASN A 377 -32.73 1.75 -4.67
CA ASN A 377 -33.00 0.73 -5.67
C ASN A 377 -32.28 0.99 -6.99
N GLN A 378 -32.12 2.26 -7.34
CA GLN A 378 -31.47 2.65 -8.60
C GLN A 378 -29.95 2.46 -8.55
N THR A 379 -29.29 3.09 -7.58
CA THR A 379 -27.84 2.99 -7.38
C THR A 379 -27.58 2.43 -5.97
N PRO A 380 -27.55 1.07 -5.83
CA PRO A 380 -27.36 0.41 -4.53
C PRO A 380 -25.99 0.61 -3.88
N ASN A 381 -24.93 0.34 -4.63
CA ASN A 381 -23.54 0.46 -4.14
C ASN A 381 -23.21 1.84 -3.56
N ARG A 382 -23.65 2.89 -4.25
CA ARG A 382 -23.41 4.27 -3.81
C ARG A 382 -24.28 4.63 -2.60
N ALA A 383 -25.58 4.31 -2.69
CA ALA A 383 -26.53 4.59 -1.62
C ALA A 383 -26.14 3.90 -0.33
N LYS A 384 -25.70 2.64 -0.43
CA LYS A 384 -25.25 1.83 0.71
C LYS A 384 -24.11 2.53 1.46
N ARG A 385 -23.15 3.07 0.72
CA ARG A 385 -22.01 3.79 1.31
C ARG A 385 -22.44 5.11 1.98
N VAL A 386 -23.38 5.83 1.35
CA VAL A 386 -23.91 7.10 1.88
C VAL A 386 -24.77 6.84 3.14
N ILE A 387 -25.59 5.80 3.09
CA ILE A 387 -26.45 5.39 4.21
C ILE A 387 -25.59 4.94 5.41
N THR A 388 -24.53 4.17 5.11
CA THR A 388 -23.58 3.70 6.13
C THR A 388 -22.79 4.86 6.76
N THR A 389 -22.62 5.94 5.99
CA THR A 389 -21.94 7.15 6.48
C THR A 389 -22.86 7.84 7.51
N PHE A 390 -24.17 7.88 7.24
CA PHE A 390 -25.14 8.45 8.20
C PHE A 390 -25.28 7.56 9.43
N ARG A 391 -25.17 6.24 9.22
CA ARG A 391 -25.25 5.23 10.28
C ARG A 391 -24.24 5.39 11.41
N THR A 392 -22.97 5.30 11.05
CA THR A 392 -21.87 5.39 12.01
C THR A 392 -21.35 6.80 12.26
N GLY A 393 -21.25 7.59 11.20
CA GLY A 393 -20.71 8.95 11.29
C GLY A 393 -19.21 8.92 11.05
N THR A 394 -18.73 7.78 10.53
CA THR A 394 -17.33 7.56 10.21
C THR A 394 -17.22 7.26 8.71
N TRP A 395 -16.00 6.98 8.25
CA TRP A 395 -15.75 6.69 6.84
C TRP A 395 -15.43 5.21 6.57
N ASP A 396 -16.12 4.32 7.30
CA ASP A 396 -15.92 2.86 7.16
C ASP A 396 -16.32 2.34 5.77
N ALA A 397 -17.33 2.96 5.18
CA ALA A 397 -17.83 2.58 3.86
C ALA A 397 -16.89 2.97 2.71
N TYR A 398 -16.14 4.06 2.89
CA TYR A 398 -15.20 4.54 1.86
C TYR A 398 -13.73 4.17 2.18
N LYS A 399 -13.53 3.11 2.96
CA LYS A 399 -12.18 2.64 3.29
C LYS A 399 -11.55 1.96 2.09
N PHE A 400 -10.38 2.47 1.69
CA PHE A 400 -9.58 1.96 0.57
C PHE A 400 -10.35 1.87 -0.75
N CYS A 401 -11.17 2.88 -1.01
CA CYS A 401 -11.97 2.97 -2.24
C CYS A 401 -11.31 3.93 -3.23
N LEU A 402 -10.63 4.95 -2.71
CA LEU A 402 -9.93 5.93 -3.53
C LEU A 402 -8.67 5.26 -4.04
N LYS A 403 -8.21 5.67 -5.23
CA LYS A 403 -7.02 5.08 -5.89
C LYS A 403 -5.74 5.12 -5.04
N GLU A 404 -5.47 6.26 -4.42
CA GLU A 404 -4.27 6.43 -3.59
C GLU A 404 -4.34 5.62 -2.28
N HIS A 405 -5.55 5.37 -1.80
CA HIS A 405 -5.78 4.57 -0.58
C HIS A 405 -5.53 3.08 -0.83
N LYS A 406 -5.83 2.62 -2.05
CA LYS A 406 -5.58 1.24 -2.45
C LYS A 406 -4.08 1.05 -2.61
N ALA A 407 -3.41 2.13 -3.03
CA ALA A 407 -1.95 2.15 -3.18
C ALA A 407 -1.30 2.07 -1.81
N LEU A 408 -1.89 2.73 -0.81
CA LEU A 408 -1.41 2.70 0.57
C LEU A 408 -1.64 1.33 1.20
N LYS A 409 -2.79 0.73 0.88
CA LYS A 409 -3.16 -0.59 1.39
C LYS A 409 -2.18 -1.65 0.85
N THR A 410 -1.81 -1.51 -0.43
CA THR A 410 -0.85 -2.42 -1.08
C THR A 410 0.48 -2.36 -0.33
N LEU A 411 0.96 -1.14 -0.05
CA LEU A 411 2.20 -0.94 0.70
C LEU A 411 2.09 -1.53 2.11
N GLY A 412 0.89 -1.50 2.67
CA GLY A 412 0.62 -2.07 3.99
C GLY A 412 0.71 -3.59 3.97
N ILE A 413 0.27 -4.20 2.86
CA ILE A 413 0.34 -5.66 2.67
C ILE A 413 1.80 -6.10 2.51
N ILE A 414 2.62 -5.28 1.81
CA ILE A 414 4.04 -5.56 1.64
C ILE A 414 4.74 -5.61 3.00
N MET A 415 4.47 -4.61 3.84
CA MET A 415 5.01 -4.50 5.20
C MET A 415 4.49 -5.61 6.10
N GLY A 416 3.18 -5.86 6.04
CA GLY A 416 2.50 -6.89 6.83
C GLY A 416 2.99 -8.29 6.54
N THR A 417 3.20 -8.60 5.26
CA THR A 417 3.69 -9.90 4.82
C THR A 417 5.12 -10.13 5.33
N PHE A 418 5.95 -9.08 5.24
CA PHE A 418 7.34 -9.12 5.71
C PHE A 418 7.39 -9.44 7.19
N THR A 419 6.47 -8.84 7.95
CA THR A 419 6.37 -9.04 9.39
C THR A 419 5.96 -10.49 9.68
N LEU A 420 4.89 -10.96 9.06
CA LEU A 420 4.41 -12.35 9.26
C LEU A 420 5.42 -13.43 8.83
N CYS A 421 6.23 -13.12 7.81
CA CYS A 421 7.25 -14.05 7.31
C CYS A 421 8.57 -14.04 8.09
N TRP A 422 8.97 -12.87 8.60
CA TRP A 422 10.26 -12.76 9.36
C TRP A 422 10.16 -12.70 10.88
N LEU A 423 9.06 -12.18 11.44
CA LEU A 423 8.93 -12.07 12.91
C LEU A 423 9.09 -13.43 13.67
N PRO A 424 8.45 -14.54 13.19
CA PRO A 424 8.66 -15.82 13.92
C PRO A 424 10.14 -16.25 14.01
N PHE A 425 10.91 -15.98 12.96
CA PHE A 425 12.34 -16.30 12.93
C PHE A 425 13.11 -15.48 13.96
N PHE A 426 12.90 -14.16 13.96
CA PHE A 426 13.57 -13.26 14.92
C PHE A 426 13.11 -13.50 16.37
N ILE A 427 11.82 -13.82 16.58
CA ILE A 427 11.31 -14.14 17.94
C ILE A 427 12.07 -15.35 18.48
N VAL A 428 12.14 -16.40 17.65
CA VAL A 428 12.86 -17.64 17.96
C VAL A 428 14.37 -17.42 18.12
N ASN A 429 14.91 -16.42 17.42
CA ASN A 429 16.32 -16.06 17.49
C ASN A 429 16.70 -15.55 18.89
N ILE A 430 15.88 -14.63 19.43
CA ILE A 430 16.11 -14.06 20.78
C ILE A 430 15.77 -15.09 21.88
N VAL A 431 14.77 -15.93 21.64
CA VAL A 431 14.38 -17.01 22.59
C VAL A 431 15.53 -18.02 22.77
N HIS A 432 16.26 -18.29 21.70
CA HIS A 432 17.40 -19.21 21.72
C HIS A 432 18.61 -18.61 22.48
N VAL A 433 18.65 -17.28 22.60
CA VAL A 433 19.73 -16.60 23.34
C VAL A 433 19.48 -16.71 24.85
N ILE A 434 18.21 -16.55 25.25
CA ILE A 434 17.79 -16.63 26.66
C ILE A 434 17.99 -18.06 27.17
N GLN A 435 17.28 -19.00 26.54
CA GLN A 435 17.33 -20.41 26.87
C GLN A 435 17.77 -21.10 25.58
N ASP A 436 19.02 -21.58 25.57
CA ASP A 436 19.62 -22.23 24.37
C ASP A 436 19.31 -23.74 24.18
N ASN A 437 18.21 -24.20 24.79
CA ASN A 437 17.77 -25.59 24.69
C ASN A 437 16.25 -25.74 24.49
N LEU A 438 15.61 -24.71 23.92
CA LEU A 438 14.16 -24.72 23.69
C LEU A 438 13.81 -24.94 22.21
N ILE A 439 14.48 -24.23 21.31
CA ILE A 439 14.24 -24.37 19.86
C ILE A 439 15.35 -25.22 19.23
N ARG A 440 14.99 -26.06 18.24
CA ARG A 440 15.93 -26.95 17.58
C ARG A 440 16.55 -26.28 16.35
N LYS A 441 17.40 -27.02 15.65
CA LYS A 441 18.06 -26.55 14.43
C LYS A 441 17.09 -26.56 13.25
N GLU A 442 16.33 -27.66 13.12
CA GLU A 442 15.35 -27.83 12.04
C GLU A 442 14.23 -26.77 12.07
N VAL A 443 13.84 -26.38 13.28
CA VAL A 443 12.81 -25.36 13.49
C VAL A 443 13.36 -23.97 13.13
N TYR A 444 14.63 -23.74 13.46
CA TYR A 444 15.33 -22.48 13.17
C TYR A 444 15.50 -22.24 11.67
N ILE A 445 15.88 -23.29 10.94
CA ILE A 445 16.07 -23.23 9.48
C ILE A 445 14.72 -23.10 8.74
N LEU A 446 13.70 -23.81 9.22
CA LEU A 446 12.36 -23.76 8.61
C LEU A 446 11.76 -22.35 8.61
N LEU A 447 11.87 -21.67 9.75
CA LEU A 447 11.37 -20.29 9.92
C LEU A 447 12.20 -19.28 9.13
N ASN A 448 13.45 -19.62 8.84
CA ASN A 448 14.34 -18.79 8.06
C ASN A 448 13.92 -18.83 6.59
N TRP A 449 13.41 -19.98 6.16
CA TRP A 449 12.91 -20.19 4.78
C TRP A 449 11.53 -19.59 4.52
N ILE A 450 10.75 -19.37 5.59
CA ILE A 450 9.46 -18.70 5.48
C ILE A 450 9.83 -17.23 5.20
N GLY A 451 10.97 -16.81 5.74
CA GLY A 451 11.51 -15.49 5.51
C GLY A 451 12.12 -15.39 4.11
N TYR A 452 12.79 -16.45 3.64
CA TYR A 452 13.38 -16.45 2.29
C TYR A 452 12.33 -16.47 1.17
N VAL A 453 11.19 -17.13 1.42
CA VAL A 453 10.11 -17.24 0.43
C VAL A 453 9.32 -15.90 0.32
N ASN A 454 9.57 -14.99 1.27
CA ASN A 454 8.95 -13.66 1.30
C ASN A 454 9.48 -12.75 0.19
N SER A 455 10.68 -13.07 -0.30
CA SER A 455 11.35 -12.33 -1.36
C SER A 455 10.58 -12.46 -2.71
N GLY A 456 9.86 -13.56 -2.87
CA GLY A 456 9.06 -13.81 -4.06
C GLY A 456 7.59 -13.39 -3.97
N PHE A 457 7.16 -12.87 -2.81
CA PHE A 457 5.75 -12.43 -2.63
C PHE A 457 5.43 -11.05 -3.23
N ASN A 458 6.30 -10.07 -3.01
CA ASN A 458 6.08 -8.66 -3.47
C ASN A 458 5.53 -8.46 -4.91
N PRO A 459 6.16 -9.07 -5.96
CA PRO A 459 5.64 -8.91 -7.34
C PRO A 459 4.16 -9.30 -7.49
N LEU A 460 3.75 -10.38 -6.82
CA LEU A 460 2.35 -10.85 -6.83
C LEU A 460 1.44 -9.85 -6.14
N ILE A 461 1.95 -9.23 -5.07
CA ILE A 461 1.21 -8.23 -4.31
C ILE A 461 1.13 -6.92 -5.13
N TYR A 462 2.10 -6.68 -6.01
CA TYR A 462 2.09 -5.45 -6.86
C TYR A 462 1.01 -5.50 -7.95
N CYS A 463 0.42 -6.67 -8.19
CA CYS A 463 -0.67 -6.82 -9.16
C CYS A 463 -1.87 -5.95 -8.73
N ARG A 464 -2.03 -5.72 -7.42
CA ARG A 464 -3.08 -4.86 -6.91
C ARG A 464 -3.10 -3.48 -7.57
N SER A 465 -1.91 -2.89 -7.69
CA SER A 465 -1.73 -1.58 -8.31
C SER A 465 -2.01 -1.67 -9.81
N PRO A 466 -2.99 -0.87 -10.31
CA PRO A 466 -3.35 -0.83 -11.74
C PRO A 466 -2.20 -0.42 -12.66
N ASP A 467 -1.29 0.41 -12.15
CA ASP A 467 -0.12 0.86 -12.91
C ASP A 467 0.87 -0.29 -13.15
N PHE A 468 1.05 -1.15 -12.14
CA PHE A 468 1.97 -2.31 -12.27
C PHE A 468 1.38 -3.42 -13.14
N ARG A 469 0.07 -3.69 -13.07
CA ARG A 469 -0.54 -4.73 -13.94
C ARG A 469 -0.30 -4.43 -15.40
N ILE A 470 -0.62 -3.20 -15.80
CA ILE A 470 -0.42 -2.73 -17.18
C ILE A 470 1.05 -2.90 -17.59
N ALA A 471 1.95 -2.51 -16.70
CA ALA A 471 3.40 -2.60 -16.93
C ALA A 471 3.90 -4.04 -17.05
N PHE A 472 3.40 -4.96 -16.21
CA PHE A 472 3.85 -6.37 -16.27
C PHE A 472 3.42 -7.03 -17.57
N GLN A 473 2.13 -6.98 -17.87
CA GLN A 473 1.57 -7.60 -19.10
C GLN A 473 2.06 -6.94 -20.42
N GLU A 474 2.77 -5.81 -20.31
CA GLU A 474 3.34 -5.11 -21.45
C GLU A 474 4.75 -5.68 -21.64
N LEU A 475 5.46 -5.92 -20.54
CA LEU A 475 6.82 -6.50 -20.58
C LEU A 475 6.79 -7.99 -20.95
N LEU A 476 5.69 -8.67 -20.61
CA LEU A 476 5.52 -10.09 -20.93
C LEU A 476 4.91 -10.25 -22.34
N CYS A 477 4.56 -9.11 -22.96
CA CYS A 477 3.97 -9.01 -24.31
C CYS A 477 2.68 -9.82 -24.40
N LEU A 478 1.69 -9.40 -23.62
CA LEU A 478 0.38 -10.06 -23.56
C LEU A 478 -0.75 -9.08 -23.86
C5 TIM B . 19.34 -12.75 12.73
C6 TIM B . 20.07 -13.88 13.47
O1 TIM B . 20.92 -13.33 14.46
C2 TIM B . 21.94 -12.51 13.89
C3 TIM B . 21.42 -11.41 12.96
N4 TIM B . 20.24 -11.75 12.20
C7 TIM B . 19.82 -11.00 11.13
N8 TIM B . 19.79 -9.66 11.19
S9 TIM B . 19.26 -9.06 9.76
N10 TIM B . 19.03 -10.46 8.95
C11 TIM B . 19.36 -11.46 9.75
O12 TIM B . 19.25 -12.78 9.39
C13 TIM B . 18.99 -13.09 7.99
C14 TIM B . 18.78 -14.60 8.07
O15 TIM B . 17.94 -15.10 7.07
C16 TIM B . 20.13 -15.30 8.05
N17 TIM B . 20.20 -16.69 7.65
C18 TIM B . 21.41 -17.27 8.30
C19 TIM B . 21.89 -18.51 7.55
C20 TIM B . 22.54 -16.21 8.28
C21 TIM B . 21.07 -17.65 9.76
C1 CLR C . 19.79 3.69 -8.44
C2 CLR C . 18.83 4.66 -9.12
C3 CLR C . 17.38 4.24 -8.98
C4 CLR C . 17.02 4.13 -7.49
C5 CLR C . 17.85 3.01 -6.97
C6 CLR C . 17.23 1.91 -6.52
C7 CLR C . 17.90 0.71 -5.98
C8 CLR C . 19.34 1.01 -5.60
C9 CLR C . 20.06 1.83 -6.69
C10 CLR C . 19.36 3.17 -7.05
C11 CLR C . 21.58 1.90 -6.54
C12 CLR C . 22.23 0.56 -6.27
C13 CLR C . 21.61 -0.21 -5.09
C14 CLR C . 20.09 -0.29 -5.36
C15 CLR C . 19.55 -1.46 -4.53
C16 CLR C . 20.75 -2.39 -4.39
C17 CLR C . 21.95 -1.74 -5.09
C18 CLR C . 21.90 0.46 -3.76
C19 CLR C . 19.85 4.22 -6.04
C20 CLR C . 23.26 -2.15 -4.45
C21 CLR C . 24.44 -1.56 -5.21
C22 CLR C . 23.36 -3.66 -4.34
C23 CLR C . 24.57 -4.08 -3.51
C24 CLR C . 24.36 -5.41 -2.84
C25 CLR C . 25.22 -6.54 -3.40
C26 CLR C . 25.90 -7.33 -2.30
C27 CLR C . 26.24 -6.01 -4.38
O1 CLR C . 16.47 5.14 -9.60
C1 CLR D . 17.87 -0.90 -10.30
C2 CLR D . 17.08 0.09 -11.11
C3 CLR D . 17.83 1.41 -11.27
C4 CLR D . 19.26 1.21 -11.81
C5 CLR D . 20.00 0.08 -11.15
C6 CLR D . 21.28 0.25 -10.78
C7 CLR D . 22.11 -0.79 -10.13
C8 CLR D . 21.56 -2.18 -10.47
C9 CLR D . 20.06 -2.26 -10.18
C10 CLR D . 19.24 -1.20 -10.95
C11 CLR D . 19.50 -3.67 -10.30
C12 CLR D . 20.28 -4.71 -9.54
C13 CLR D . 21.77 -4.75 -9.89
C14 CLR D . 22.28 -3.30 -9.72
C15 CLR D . 23.77 -3.36 -9.40
C16 CLR D . 23.96 -4.76 -8.81
C17 CLR D . 22.59 -5.47 -8.77
C18 CLR D . 22.05 -5.28 -11.29
C19 CLR D . 18.94 -1.83 -12.33
C20 CLR D . 22.66 -7.00 -8.81
C21 CLR D . 21.29 -7.68 -8.81
C22 CLR D . 23.47 -7.56 -7.66
C23 CLR D . 24.45 -8.63 -8.11
C24 CLR D . 25.04 -9.29 -6.88
C25 CLR D . 24.92 -10.81 -6.90
C26 CLR D . 23.56 -11.25 -6.37
C27 CLR D . 26.07 -11.45 -6.14
O1 CLR D . 17.17 2.26 -12.19
C18 OLC E . 22.79 3.86 12.78
C10 OLC E . 16.20 6.72 12.80
C9 OLC E . 14.90 6.43 12.89
C17 OLC E . 23.19 5.21 12.26
C11 OLC E . 16.82 7.59 11.76
C8 OLC E . 13.82 6.93 11.98
C24 OLC E . 11.58 13.80 5.05
C16 OLC E . 22.23 5.70 11.19
C12 OLC E . 18.32 7.75 11.91
C7 OLC E . 13.69 6.09 10.73
C15 OLC E . 21.55 6.99 11.61
C13 OLC E . 19.11 6.82 11.03
C6 OLC E . 13.24 6.91 9.52
C14 OLC E . 20.46 7.40 10.64
C5 OLC E . 14.38 7.67 8.86
C4 OLC E . 14.19 7.82 7.37
C3 OLC E . 13.48 9.11 7.02
C2 OLC E . 12.70 8.92 5.73
C21 OLC E . 10.59 11.58 4.45
C1 OLC E . 12.51 10.24 5.06
C22 OLC E . 10.30 12.98 5.01
O19 OLC E . 13.40 10.92 4.53
O25 OLC E . 11.25 15.15 5.33
O23 OLC E . 9.36 13.64 4.17
O20 OLC E . 11.36 10.87 5.43
C18 OLC F . 2.15 0.91 22.53
C10 OLC F . 8.41 5.44 17.46
C9 OLC F . 9.10 6.55 17.13
C17 OLC F . 2.30 1.97 21.45
C11 OLC F . 8.43 4.76 18.78
C8 OLC F . 10.03 7.32 18.00
C24 OLC F . 3.12 9.80 14.41
C16 OLC F . 3.44 1.64 20.51
C12 OLC F . 7.72 3.41 18.73
C7 OLC F . 11.35 7.59 17.27
C15 OLC F . 4.63 2.54 20.72
C13 OLC F . 6.96 3.10 20.00
C6 OLC F . 11.25 8.71 16.26
C14 OLC F . 5.72 2.25 19.72
C5 OLC F . 11.36 8.19 14.84
C4 OLC F . 11.28 9.26 13.78
C3 OLC F . 9.92 9.92 13.63
C2 OLC F . 8.94 9.01 12.90
C21 OLC F . 5.39 9.93 13.45
C1 OLC F . 7.66 9.76 12.65
C22 OLC F . 4.48 9.12 14.40
O19 OLC F . 7.47 10.63 11.79
O25 OLC F . 2.45 9.42 15.59
O23 OLC F . 4.29 7.80 13.93
O20 OLC F . 6.60 9.18 13.28
C18 OLC G . 4.94 -16.97 -13.83
C10 OLC G . 12.51 -18.01 -14.64
C9 OLC G . 13.48 -17.09 -14.82
C17 OLC G . 5.52 -18.16 -13.09
C11 OLC G . 11.19 -18.06 -15.32
C8 OLC G . 13.45 -15.92 -15.75
C24 OLC G . 12.71 -6.19 -21.58
C16 OLC G . 6.36 -19.01 -14.02
C12 OLC G . 10.07 -18.10 -14.29
C7 OLC G . 14.33 -14.80 -15.24
C15 OLC G . 7.21 -20.03 -13.27
C13 OLC G . 9.57 -19.49 -14.02
C6 OLC G . 14.40 -13.64 -16.23
C14 OLC G . 8.56 -19.48 -12.88
C5 OLC G . 13.42 -12.52 -15.89
C4 OLC G . 12.26 -12.44 -16.86
C3 OLC G . 12.55 -11.50 -18.01
C2 OLC G . 11.26 -11.05 -18.67
C21 OLC G . 12.07 -8.09 -20.13
C1 OLC G . 11.08 -9.57 -18.51
C22 OLC G . 11.52 -7.00 -21.05
O19 OLC G . 10.83 -8.96 -17.47
O25 OLC G . 12.22 -5.10 -22.33
O23 OLC G . 10.84 -7.56 -22.16
O20 OLC G . 10.96 -8.91 -19.70
#